data_7M51
#
_entry.id   7M51
#
_cell.length_a   92.990
_cell.length_b   60.493
_cell.length_c   79.390
_cell.angle_alpha   90.000
_cell.angle_beta   94.750
_cell.angle_gamma   90.000
#
_symmetry.space_group_name_H-M   'C 1 2 1'
#
loop_
_entity.id
_entity.type
_entity.pdbx_description
1 polymer 'Spike glycoprotein stem helix peptide'
2 polymer 'B6 antigen-binding (Fab) fragment heavy chain'
3 polymer 'B6 antigen-binding (Fab) fragment light chain'
4 non-polymer GLYCEROL
5 water water
#
loop_
_entity_poly.entity_id
_entity_poly.type
_entity_poly.pdbx_seq_one_letter_code
_entity_poly.pdbx_strand_id
1 'polypeptide(L)' DFKEELDQWFKNQTS A
2 'polypeptide(L)'
;EVQLQQSGPVLVKPGASVRMSCKASGYTITDYYLNWVKQSHGKSLEWLGVLNPYSGGSLYSQTFKGKATLTVDRSSSTAY
LELNSLTSEDSAVYYCARQLGRGNGLDYWGQGTSVTVSSVSTKGPSVFPLAPSSKSTSGGTAALGCLVKDYFPEPVTVSW
NSGALTSGVHTFPAVLQSSGLYSLSSVVTVPSSSLGTQTYICNVNHKPSNTKVDKRVEPK
;
H
3 'polypeptide(L)'
;NIMMTQSPSSLAVSAGEKVTMSCKSSQSVLHSSDQKNYLAWYQQKPGQSPKLLIYWASTRESGVPDRFTGSGSGTDFTLT
ISSVQAEDLAVYFCHQYLSSYTFGGGTKLEIKRTVAAPSVFIFPPSDEQLKSGTASVVCLLNNFYPREAKVQWKVDNALQ
SGNSQESVTEQDSKDSTYSLSSTLTLSKADYEKHKVYACEVTHQGLSSPVTKSFNRGEC
;
L
#
# COMPACT_ATOMS: atom_id res chain seq x y z
N ASP A 1 -5.38 5.10 -36.47
CA ASP A 1 -5.88 5.01 -35.11
C ASP A 1 -4.76 5.29 -34.11
N PHE A 2 -5.05 5.07 -32.82
CA PHE A 2 -4.06 5.37 -31.80
C PHE A 2 -2.82 4.51 -31.95
N LYS A 3 -3.00 3.24 -32.33
CA LYS A 3 -1.87 2.35 -32.53
C LYS A 3 -0.91 2.92 -33.58
N GLU A 4 -1.45 3.42 -34.69
CA GLU A 4 -0.61 4.07 -35.69
C GLU A 4 0.05 5.33 -35.14
N GLU A 5 -0.68 6.10 -34.33
CA GLU A 5 -0.12 7.32 -33.75
C GLU A 5 1.03 7.00 -32.81
N LEU A 6 0.90 5.92 -32.03
CA LEU A 6 2.01 5.44 -31.22
C LEU A 6 3.19 5.03 -32.10
N ASP A 7 2.92 4.35 -33.21
CA ASP A 7 3.99 3.96 -34.12
C ASP A 7 4.79 5.17 -34.58
N GLN A 8 4.10 6.21 -35.05
CA GLN A 8 4.80 7.36 -35.62
C GLN A 8 5.48 8.18 -34.53
N TRP A 9 4.86 8.28 -33.35
CA TRP A 9 5.40 9.14 -32.30
C TRP A 9 6.68 8.57 -31.71
N PHE A 10 6.75 7.24 -31.56
CA PHE A 10 7.94 6.59 -31.04
C PHE A 10 9.08 6.50 -32.05
N LYS A 11 8.82 6.78 -33.33
CA LYS A 11 9.86 6.67 -34.35
C LYS A 11 11.01 7.62 -34.09
N GLU B 1 22.15 3.01 -8.76
CA GLU B 1 21.15 2.25 -9.51
C GLU B 1 20.03 3.15 -10.02
N VAL B 2 19.15 2.58 -10.84
CA VAL B 2 18.02 3.35 -11.39
C VAL B 2 17.05 3.70 -10.28
N GLN B 3 16.61 4.96 -10.26
CA GLN B 3 15.59 5.40 -9.31
C GLN B 3 14.72 6.46 -9.97
N LEU B 4 13.41 6.41 -9.68
CA LEU B 4 12.46 7.44 -10.08
C LEU B 4 11.84 7.97 -8.79
N GLN B 5 12.32 9.12 -8.33
CA GLN B 5 11.89 9.70 -7.05
C GLN B 5 10.77 10.71 -7.32
N GLN B 6 9.56 10.39 -6.86
CA GLN B 6 8.41 11.25 -7.07
C GLN B 6 8.13 12.10 -5.82
N SER B 7 7.48 13.23 -6.04
CA SER B 7 7.24 14.20 -4.98
C SER B 7 6.16 13.68 -4.02
N GLY B 8 6.07 14.32 -2.86
CA GLY B 8 5.26 13.84 -1.77
C GLY B 8 3.76 14.00 -1.98
N PRO B 9 2.97 13.40 -1.10
CA PRO B 9 1.51 13.45 -1.27
C PRO B 9 0.97 14.86 -1.07
N VAL B 10 -0.18 15.12 -1.69
CA VAL B 10 -0.78 16.45 -1.71
C VAL B 10 -2.27 16.36 -1.44
N LEU B 11 -2.81 17.43 -0.85
CA LEU B 11 -4.24 17.66 -0.74
C LEU B 11 -4.58 18.89 -1.57
N VAL B 12 -5.57 18.77 -2.43
CA VAL B 12 -5.93 19.85 -3.37
CA VAL B 12 -5.94 19.85 -3.36
C VAL B 12 -7.44 20.03 -3.34
N LYS B 13 -7.89 21.29 -3.43
CA LYS B 13 -9.31 21.59 -3.47
CA LYS B 13 -9.31 21.61 -3.48
C LYS B 13 -9.88 21.29 -4.85
N PRO B 14 -11.12 20.80 -4.93
CA PRO B 14 -11.75 20.57 -6.23
C PRO B 14 -11.76 21.85 -7.07
N GLY B 15 -11.49 21.68 -8.36
CA GLY B 15 -11.38 22.80 -9.28
C GLY B 15 -9.98 23.33 -9.48
N ALA B 16 -9.04 23.01 -8.59
CA ALA B 16 -7.70 23.58 -8.65
C ALA B 16 -6.80 22.75 -9.56
N SER B 17 -5.53 23.12 -9.62
CA SER B 17 -4.52 22.39 -10.37
C SER B 17 -3.42 21.91 -9.43
N VAL B 18 -2.77 20.83 -9.82
CA VAL B 18 -1.64 20.28 -9.07
C VAL B 18 -0.55 19.90 -10.06
N ARG B 19 0.71 20.11 -9.66
CA ARG B 19 1.84 19.64 -10.44
C ARG B 19 2.74 18.79 -9.53
N MET B 20 3.05 17.59 -9.98
CA MET B 20 3.92 16.67 -9.27
C MET B 20 5.15 16.40 -10.13
N SER B 21 6.21 15.91 -9.47
CA SER B 21 7.48 15.71 -10.15
C SER B 21 7.94 14.27 -10.04
N CYS B 22 8.84 13.90 -10.96
CA CYS B 22 9.42 12.57 -11.03
C CYS B 22 10.88 12.75 -11.43
N LYS B 23 11.79 12.56 -10.49
CA LYS B 23 13.21 12.82 -10.72
C LYS B 23 13.94 11.52 -11.03
N ALA B 24 14.58 11.45 -12.19
CA ALA B 24 15.34 10.29 -12.60
C ALA B 24 16.76 10.38 -12.08
N SER B 25 17.26 9.27 -11.55
CA SER B 25 18.65 9.17 -11.12
C SER B 25 19.18 7.77 -11.44
N GLY B 26 20.49 7.67 -11.52
CA GLY B 26 21.13 6.41 -11.87
C GLY B 26 21.12 6.07 -13.34
N TYR B 27 20.52 6.92 -14.18
CA TYR B 27 20.58 6.76 -15.63
C TYR B 27 20.29 8.11 -16.25
N THR B 28 20.61 8.23 -17.54
CA THR B 28 20.34 9.46 -18.28
C THR B 28 18.87 9.51 -18.64
N ILE B 29 18.16 10.52 -18.11
CA ILE B 29 16.71 10.59 -18.24
C ILE B 29 16.28 10.63 -19.71
N THR B 30 17.14 11.12 -20.59
CA THR B 30 16.79 11.25 -21.99
C THR B 30 16.89 9.95 -22.77
N ASP B 31 17.40 8.87 -22.15
CA ASP B 31 17.53 7.59 -22.83
C ASP B 31 16.27 6.74 -22.79
N TYR B 32 15.28 7.10 -21.98
CA TYR B 32 14.05 6.34 -21.83
C TYR B 32 12.86 7.26 -21.96
N TYR B 33 11.75 6.72 -22.46
CA TYR B 33 10.49 7.44 -22.36
C TYR B 33 9.98 7.34 -20.92
N LEU B 34 9.04 8.21 -20.58
CA LEU B 34 8.48 8.24 -19.23
C LEU B 34 6.97 8.34 -19.31
N ASN B 35 6.29 7.29 -18.86
CA ASN B 35 4.84 7.22 -18.81
C ASN B 35 4.33 7.70 -17.46
N TRP B 36 3.05 8.10 -17.45
CA TRP B 36 2.34 8.37 -16.21
C TRP B 36 1.12 7.48 -16.15
N VAL B 37 0.94 6.80 -15.01
CA VAL B 37 -0.12 5.82 -14.82
C VAL B 37 -0.81 6.10 -13.49
N LYS B 38 -2.13 6.09 -13.51
CA LYS B 38 -2.96 6.40 -12.35
C LYS B 38 -3.44 5.10 -11.71
N GLN B 39 -3.35 5.02 -10.37
CA GLN B 39 -3.91 3.89 -9.62
C GLN B 39 -4.93 4.44 -8.64
N SER B 40 -6.22 4.21 -8.95
CA SER B 40 -7.29 4.68 -8.09
CA SER B 40 -7.29 4.68 -8.07
C SER B 40 -7.50 3.75 -6.89
N HIS B 41 -7.26 2.46 -7.06
CA HIS B 41 -7.25 1.52 -5.95
C HIS B 41 -6.38 0.33 -6.35
N GLY B 42 -6.08 -0.51 -5.37
CA GLY B 42 -5.17 -1.64 -5.55
C GLY B 42 -5.35 -2.48 -6.79
N LYS B 43 -6.57 -2.53 -7.34
CA LYS B 43 -6.86 -3.36 -8.51
C LYS B 43 -7.23 -2.52 -9.74
N SER B 44 -6.53 -1.41 -9.94
CA SER B 44 -6.84 -0.53 -11.06
C SER B 44 -5.59 0.22 -11.50
N LEU B 45 -5.38 0.26 -12.81
CA LEU B 45 -4.32 1.04 -13.43
C LEU B 45 -4.87 1.67 -14.71
N GLU B 46 -4.57 2.95 -14.92
CA GLU B 46 -5.08 3.70 -16.06
C GLU B 46 -3.98 4.63 -16.59
N TRP B 47 -3.71 4.52 -17.89
CA TRP B 47 -2.61 5.26 -18.50
C TRP B 47 -3.04 6.67 -18.87
N LEU B 48 -2.23 7.67 -18.49
CA LEU B 48 -2.46 9.07 -18.87
C LEU B 48 -1.77 9.43 -20.19
N GLY B 49 -0.51 9.06 -20.33
CA GLY B 49 0.26 9.47 -21.49
C GLY B 49 1.73 9.17 -21.28
N VAL B 50 2.53 9.58 -22.26
CA VAL B 50 3.95 9.28 -22.30
C VAL B 50 4.72 10.53 -22.70
N LEU B 51 5.85 10.74 -22.05
CA LEU B 51 6.73 11.87 -22.32
C LEU B 51 8.01 11.41 -23.01
N ASN B 52 8.48 12.20 -23.98
CA ASN B 52 9.78 12.03 -24.59
C ASN B 52 10.74 12.99 -23.88
N PRO B 53 11.52 12.54 -22.90
CA PRO B 53 12.36 13.49 -22.15
C PRO B 53 13.40 14.18 -23.00
N TYR B 54 13.88 13.52 -24.06
CA TYR B 54 14.85 14.16 -24.93
C TYR B 54 14.24 15.37 -25.64
N SER B 55 13.12 15.16 -26.33
CA SER B 55 12.53 16.22 -27.15
C SER B 55 11.57 17.11 -26.38
N GLY B 56 11.03 16.63 -25.26
CA GLY B 56 9.99 17.35 -24.55
C GLY B 56 8.59 17.09 -25.06
N GLY B 57 8.44 16.34 -26.15
CA GLY B 57 7.13 16.05 -26.67
C GLY B 57 6.39 15.04 -25.82
N SER B 58 5.08 14.97 -26.04
N SER B 58 5.07 14.98 -26.02
CA SER B 58 4.23 14.09 -25.25
CA SER B 58 4.22 14.08 -25.27
C SER B 58 3.10 13.56 -26.13
C SER B 58 3.12 13.54 -26.16
N LEU B 59 2.59 12.39 -25.75
CA LEU B 59 1.45 11.76 -26.41
C LEU B 59 0.46 11.35 -25.33
N TYR B 60 -0.76 11.86 -25.42
CA TYR B 60 -1.73 11.70 -24.35
C TYR B 60 -2.80 10.68 -24.75
N SER B 61 -3.22 9.89 -23.75
CA SER B 61 -4.48 9.18 -23.88
C SER B 61 -5.60 10.18 -24.15
N GLN B 62 -6.53 9.79 -25.02
CA GLN B 62 -7.70 10.63 -25.27
CA GLN B 62 -7.70 10.63 -25.27
C GLN B 62 -8.44 10.95 -23.99
N THR B 63 -8.41 10.04 -23.01
CA THR B 63 -9.11 10.27 -21.75
C THR B 63 -8.55 11.48 -21.00
N PHE B 64 -7.26 11.77 -21.14
CA PHE B 64 -6.62 12.82 -20.35
C PHE B 64 -6.20 14.02 -21.19
N LYS B 65 -6.62 14.09 -22.45
CA LYS B 65 -6.35 15.27 -23.27
C LYS B 65 -7.07 16.49 -22.69
N GLY B 66 -6.37 17.60 -22.57
CA GLY B 66 -6.92 18.80 -21.96
C GLY B 66 -6.98 18.76 -20.45
N LYS B 67 -6.62 17.64 -19.84
CA LYS B 67 -6.62 17.47 -18.39
C LYS B 67 -5.23 17.38 -17.81
N ALA B 68 -4.35 16.60 -18.44
CA ALA B 68 -2.98 16.41 -17.98
C ALA B 68 -2.01 17.09 -18.94
N THR B 69 -0.91 17.57 -18.37
CA THR B 69 0.17 18.18 -19.16
C THR B 69 1.50 17.64 -18.67
N LEU B 70 2.29 17.11 -19.60
CA LEU B 70 3.59 16.52 -19.27
C LEU B 70 4.69 17.47 -19.69
N THR B 71 5.66 17.69 -18.81
CA THR B 71 6.80 18.54 -19.08
C THR B 71 8.05 17.86 -18.55
N VAL B 72 9.21 18.47 -18.81
CA VAL B 72 10.47 17.93 -18.33
C VAL B 72 11.45 19.08 -18.15
N ASP B 73 12.31 18.95 -17.14
CA ASP B 73 13.47 19.80 -16.95
C ASP B 73 14.69 18.91 -17.10
N ARG B 74 15.32 18.95 -18.29
N ARG B 74 15.29 18.90 -18.29
CA ARG B 74 16.48 18.11 -18.56
CA ARG B 74 16.41 17.99 -18.55
C ARG B 74 17.64 18.43 -17.62
C ARG B 74 17.62 18.32 -17.68
N SER B 75 17.85 19.72 -17.32
N SER B 75 17.83 19.60 -17.37
CA SER B 75 19.00 20.12 -16.53
CA SER B 75 19.01 19.97 -16.58
C SER B 75 18.91 19.65 -15.07
C SER B 75 18.92 19.44 -15.16
N SER B 76 17.72 19.27 -14.62
CA SER B 76 17.53 18.72 -13.28
C SER B 76 17.03 17.29 -13.32
N SER B 77 16.99 16.67 -14.50
CA SER B 77 16.59 15.27 -14.68
C SER B 77 15.23 14.99 -14.04
N THR B 78 14.28 15.90 -14.25
CA THR B 78 12.99 15.82 -13.60
C THR B 78 11.87 15.99 -14.61
N ALA B 79 10.91 15.08 -14.58
CA ALA B 79 9.69 15.19 -15.38
C ALA B 79 8.54 15.59 -14.47
N TYR B 80 7.54 16.25 -15.06
CA TYR B 80 6.42 16.78 -14.30
C TYR B 80 5.10 16.37 -14.93
N LEU B 81 4.10 16.16 -14.07
CA LEU B 81 2.72 15.96 -14.47
C LEU B 81 1.88 17.04 -13.80
N GLU B 82 1.19 17.83 -14.61
CA GLU B 82 0.23 18.81 -14.12
C GLU B 82 -1.17 18.34 -14.47
N LEU B 83 -2.06 18.36 -13.48
CA LEU B 83 -3.46 18.06 -13.67
C LEU B 83 -4.28 19.30 -13.33
N ASN B 84 -5.25 19.64 -14.17
CA ASN B 84 -6.08 20.81 -13.96
C ASN B 84 -7.53 20.39 -13.76
N SER B 85 -8.33 21.36 -13.32
CA SER B 85 -9.78 21.18 -13.13
C SER B 85 -10.07 19.94 -12.29
N LEU B 86 -9.34 19.82 -11.18
CA LEU B 86 -9.39 18.60 -10.39
C LEU B 86 -10.76 18.37 -9.78
N THR B 87 -11.20 17.12 -9.84
CA THR B 87 -12.44 16.66 -9.23
C THR B 87 -12.12 15.59 -8.19
N SER B 88 -13.10 15.29 -7.34
CA SER B 88 -12.91 14.27 -6.31
C SER B 88 -12.56 12.91 -6.92
N GLU B 89 -12.92 12.67 -8.18
CA GLU B 89 -12.58 11.42 -8.86
C GLU B 89 -11.13 11.39 -9.34
N ASP B 90 -10.45 12.54 -9.38
CA ASP B 90 -9.04 12.56 -9.74
C ASP B 90 -8.14 12.08 -8.62
N SER B 91 -8.68 11.83 -7.43
CA SER B 91 -7.89 11.32 -6.33
C SER B 91 -7.37 9.93 -6.65
N ALA B 92 -6.05 9.76 -6.55
CA ALA B 92 -5.40 8.50 -6.87
C ALA B 92 -3.91 8.64 -6.58
N VAL B 93 -3.21 7.51 -6.64
CA VAL B 93 -1.74 7.52 -6.68
C VAL B 93 -1.32 7.60 -8.14
N TYR B 94 -0.43 8.54 -8.44
CA TYR B 94 0.05 8.74 -9.79
C TYR B 94 1.50 8.28 -9.88
N TYR B 95 1.76 7.31 -10.77
CA TYR B 95 3.08 6.75 -10.98
C TYR B 95 3.70 7.32 -12.24
N CYS B 96 5.00 7.57 -12.19
CA CYS B 96 5.80 7.70 -13.40
C CYS B 96 6.54 6.38 -13.63
N ALA B 97 6.68 5.99 -14.89
CA ALA B 97 7.27 4.69 -15.21
C ALA B 97 8.00 4.80 -16.53
N ARG B 98 9.25 4.36 -16.55
CA ARG B 98 10.08 4.54 -17.75
C ARG B 98 9.88 3.38 -18.72
N GLN B 99 10.12 3.69 -20.00
CA GLN B 99 9.91 2.76 -21.10
C GLN B 99 10.98 3.02 -22.15
N LEU B 100 11.75 1.98 -22.49
CA LEU B 100 12.88 2.16 -23.40
C LEU B 100 12.40 2.56 -24.79
N GLY B 101 11.46 1.82 -25.34
CA GLY B 101 11.00 2.10 -26.68
C GLY B 101 9.59 1.59 -26.91
N ARG B 102 9.18 1.66 -28.19
CA ARG B 102 7.81 1.34 -28.57
C ARG B 102 7.39 -0.03 -28.06
N GLY B 103 8.22 -1.03 -28.27
CA GLY B 103 7.86 -2.40 -27.94
C GLY B 103 8.18 -2.86 -26.54
N ASN B 104 8.65 -1.99 -25.65
CA ASN B 104 9.06 -2.43 -24.32
C ASN B 104 7.94 -2.24 -23.32
N GLY B 105 8.04 -2.99 -22.21
CA GLY B 105 7.19 -2.77 -21.07
C GLY B 105 7.67 -1.58 -20.24
N LEU B 106 6.92 -1.32 -19.17
CA LEU B 106 7.28 -0.25 -18.23
C LEU B 106 8.21 -0.87 -17.20
N ASP B 107 9.52 -0.74 -17.46
CA ASP B 107 10.51 -1.56 -16.77
C ASP B 107 10.87 -1.03 -15.37
N TYR B 108 10.59 0.24 -15.07
CA TYR B 108 10.86 0.76 -13.73
C TYR B 108 9.81 1.82 -13.38
N TRP B 109 9.31 1.75 -12.15
CA TRP B 109 8.23 2.62 -11.68
C TRP B 109 8.69 3.42 -10.47
N GLY B 110 8.32 4.69 -10.43
CA GLY B 110 8.52 5.49 -9.24
C GLY B 110 7.65 4.99 -8.10
N GLN B 111 7.83 5.60 -6.93
CA GLN B 111 7.05 5.18 -5.76
C GLN B 111 5.63 5.75 -5.76
N GLY B 112 5.31 6.66 -6.66
CA GLY B 112 3.95 7.18 -6.74
C GLY B 112 3.75 8.43 -5.93
N THR B 113 2.83 9.27 -6.39
CA THR B 113 2.42 10.47 -5.67
C THR B 113 0.94 10.37 -5.37
N SER B 114 0.59 10.36 -4.09
N SER B 114 0.59 10.36 -4.09
CA SER B 114 -0.80 10.28 -3.68
CA SER B 114 -0.80 10.30 -3.66
C SER B 114 -1.44 11.67 -3.74
C SER B 114 -1.43 11.68 -3.74
N VAL B 115 -2.47 11.82 -4.55
CA VAL B 115 -3.20 13.06 -4.69
C VAL B 115 -4.61 12.86 -4.14
N THR B 116 -5.00 13.68 -3.17
CA THR B 116 -6.34 13.67 -2.62
C THR B 116 -7.01 14.99 -2.98
N VAL B 117 -8.14 14.90 -3.68
CA VAL B 117 -8.93 16.07 -4.06
C VAL B 117 -10.13 16.14 -3.14
N SER B 118 -10.19 17.18 -2.31
CA SER B 118 -11.23 17.26 -1.28
C SER B 118 -11.32 18.70 -0.76
N SER B 119 -12.50 19.03 -0.25
CA SER B 119 -12.73 20.31 0.42
C SER B 119 -12.37 20.26 1.91
N VAL B 120 -12.09 19.07 2.44
CA VAL B 120 -11.79 18.92 3.85
C VAL B 120 -10.42 19.52 4.15
N SER B 121 -10.32 20.19 5.29
CA SER B 121 -9.08 20.84 5.67
C SER B 121 -8.02 19.81 6.06
N THR B 122 -6.76 20.16 5.80
CA THR B 122 -5.67 19.32 6.28
C THR B 122 -5.67 19.29 7.80
N LYS B 123 -5.36 18.13 8.37
CA LYS B 123 -5.15 18.04 9.81
C LYS B 123 -3.98 17.12 10.08
N GLY B 124 -3.06 17.58 10.92
CA GLY B 124 -1.96 16.77 11.35
C GLY B 124 -2.37 15.88 12.51
N PRO B 125 -1.82 14.68 12.55
CA PRO B 125 -2.22 13.72 13.58
C PRO B 125 -1.51 13.99 14.90
N SER B 126 -2.12 13.48 15.96
N SER B 126 -2.08 13.40 15.94
CA SER B 126 -1.43 13.31 17.22
CA SER B 126 -1.44 13.32 17.25
C SER B 126 -0.74 11.95 17.20
C SER B 126 -0.84 11.93 17.41
N VAL B 127 0.40 11.86 17.87
CA VAL B 127 1.16 10.61 17.94
C VAL B 127 1.28 10.21 19.40
N PHE B 128 0.71 9.06 19.74
CA PHE B 128 0.71 8.59 21.12
C PHE B 128 1.43 7.26 21.22
N PRO B 129 2.21 7.04 22.28
CA PRO B 129 2.90 5.76 22.43
C PRO B 129 1.92 4.65 22.79
N LEU B 130 2.22 3.47 22.29
CA LEU B 130 1.61 2.21 22.71
C LEU B 130 2.68 1.48 23.51
N ALA B 131 2.68 1.69 24.83
CA ALA B 131 3.84 1.33 25.63
C ALA B 131 3.84 -0.16 25.97
N PRO B 132 5.01 -0.80 25.89
CA PRO B 132 5.09 -2.21 26.30
C PRO B 132 4.90 -2.35 27.80
N SER B 133 4.25 -3.45 28.18
CA SER B 133 4.01 -3.75 29.58
C SER B 133 3.64 -5.23 29.67
N SER B 134 3.21 -5.66 30.86
N SER B 134 3.21 -5.66 30.85
CA SER B 134 2.85 -7.06 31.08
CA SER B 134 2.87 -7.06 31.06
C SER B 134 1.68 -7.50 30.22
C SER B 134 1.64 -7.51 30.28
N LYS B 135 0.87 -6.57 29.73
CA LYS B 135 -0.31 -6.94 28.94
C LYS B 135 -0.09 -6.66 27.46
N THR B 137 3.03 -8.69 27.07
CA THR B 137 4.16 -9.59 26.83
C THR B 137 3.71 -10.94 26.31
N SER B 138 4.64 -11.68 25.71
CA SER B 138 4.35 -13.02 25.22
C SER B 138 5.68 -13.75 25.06
N GLY B 139 5.95 -14.68 25.99
CA GLY B 139 7.06 -15.60 25.89
C GLY B 139 8.39 -14.98 25.48
N GLY B 140 8.85 -13.99 26.25
CA GLY B 140 10.11 -13.35 25.99
C GLY B 140 10.05 -12.21 25.00
N THR B 141 8.88 -11.87 24.50
CA THR B 141 8.72 -10.76 23.57
C THR B 141 7.82 -9.71 24.18
N ALA B 142 7.93 -8.50 23.64
CA ALA B 142 7.07 -7.39 24.03
C ALA B 142 6.63 -6.67 22.77
N ALA B 143 5.37 -6.28 22.75
CA ALA B 143 4.83 -5.47 21.68
C ALA B 143 4.80 -4.01 22.13
N LEU B 144 5.17 -3.11 21.22
CA LEU B 144 5.07 -1.69 21.46
C LEU B 144 4.70 -1.03 20.14
N GLY B 145 4.32 0.24 20.20
CA GLY B 145 3.90 0.89 18.97
C GLY B 145 3.58 2.34 19.17
N CYS B 146 2.99 2.92 18.13
N CYS B 146 2.96 2.92 18.14
CA CYS B 146 2.54 4.31 18.14
CA CYS B 146 2.56 4.32 18.16
C CYS B 146 1.15 4.38 17.55
C CYS B 146 1.19 4.46 17.50
N LEU B 147 0.31 5.21 18.15
CA LEU B 147 -1.03 5.48 17.65
C LEU B 147 -0.98 6.85 16.98
N VAL B 148 -1.34 6.89 15.70
CA VAL B 148 -1.30 8.12 14.90
C VAL B 148 -2.75 8.50 14.63
N LYS B 149 -3.29 9.41 15.42
CA LYS B 149 -4.73 9.62 15.49
C LYS B 149 -5.15 10.96 14.92
N ASP B 150 -6.26 10.93 14.16
CA ASP B 150 -6.97 12.12 13.69
C ASP B 150 -6.15 12.93 12.70
N TYR B 151 -6.04 12.45 11.46
CA TYR B 151 -5.32 13.17 10.43
C TYR B 151 -6.08 13.12 9.11
N PHE B 152 -5.76 14.08 8.24
CA PHE B 152 -6.33 14.12 6.90
C PHE B 152 -5.41 14.91 5.98
N PRO B 153 -5.16 14.44 4.76
CA PRO B 153 -5.68 13.18 4.22
C PRO B 153 -4.70 12.05 4.41
N GLU B 154 -4.94 10.90 3.77
CA GLU B 154 -3.91 9.91 3.66
C GLU B 154 -2.82 10.43 2.72
N PRO B 155 -1.59 9.91 2.83
CA PRO B 155 -1.14 8.89 3.79
C PRO B 155 -0.25 9.44 4.88
N VAL B 156 -0.14 8.70 5.98
CA VAL B 156 1.00 8.84 6.87
C VAL B 156 1.89 7.63 6.64
N THR B 157 3.19 7.84 6.77
CA THR B 157 4.16 6.77 6.76
C THR B 157 4.81 6.71 8.13
N VAL B 158 5.13 5.49 8.56
CA VAL B 158 5.78 5.25 9.83
C VAL B 158 7.00 4.39 9.58
N SER B 159 8.15 4.80 10.11
CA SER B 159 9.31 3.94 10.21
C SER B 159 9.64 3.78 11.69
N TRP B 160 10.55 2.86 11.98
CA TRP B 160 11.03 2.63 13.34
C TRP B 160 12.54 2.75 13.34
N ASN B 161 13.06 3.50 14.30
CA ASN B 161 14.50 3.77 14.42
C ASN B 161 15.11 4.16 13.09
N SER B 162 14.44 5.11 12.42
CA SER B 162 14.89 5.71 11.16
C SER B 162 15.11 4.67 10.06
N GLY B 163 14.30 3.60 10.07
CA GLY B 163 14.42 2.57 9.06
C GLY B 163 15.32 1.41 9.42
N ALA B 164 16.02 1.47 10.55
CA ALA B 164 16.90 0.39 10.97
C ALA B 164 16.16 -0.75 11.65
N LEU B 165 14.89 -0.57 11.99
CA LEU B 165 14.07 -1.63 12.58
C LEU B 165 12.90 -1.89 11.63
N THR B 166 12.91 -3.05 10.96
CA THR B 166 11.82 -3.39 10.06
C THR B 166 11.23 -4.75 10.40
N SER B 167 12.04 -5.66 10.96
CA SER B 167 11.53 -6.97 11.32
C SER B 167 10.48 -6.86 12.40
N GLY B 168 9.39 -7.61 12.23
CA GLY B 168 8.33 -7.63 13.23
C GLY B 168 7.50 -6.38 13.32
N VAL B 169 7.60 -5.48 12.35
CA VAL B 169 6.81 -4.26 12.34
C VAL B 169 5.50 -4.53 11.61
N HIS B 170 4.41 -4.02 12.17
CA HIS B 170 3.10 -4.03 11.51
C HIS B 170 2.55 -2.62 11.52
N THR B 171 2.52 -2.00 10.34
CA THR B 171 1.87 -0.70 10.19
C THR B 171 0.53 -0.95 9.51
N PHE B 172 -0.54 -0.70 10.24
CA PHE B 172 -1.87 -1.11 9.81
C PHE B 172 -2.49 -0.10 8.86
N PRO B 173 -3.36 -0.57 7.95
CA PRO B 173 -4.11 0.35 7.11
C PRO B 173 -4.90 1.34 7.98
N ALA B 174 -4.99 2.57 7.50
CA ALA B 174 -5.75 3.59 8.23
C ALA B 174 -7.24 3.24 8.23
N VAL B 175 -7.92 3.66 9.29
CA VAL B 175 -9.38 3.56 9.39
C VAL B 175 -9.95 4.96 9.27
N LEU B 176 -11.09 5.07 8.60
CA LEU B 176 -11.77 6.34 8.45
C LEU B 176 -12.72 6.53 9.62
N GLN B 177 -12.48 7.56 10.41
CA GLN B 177 -13.29 7.79 11.61
C GLN B 177 -14.59 8.49 11.26
N SER B 178 -15.52 8.50 12.22
CA SER B 178 -16.80 9.17 12.02
C SER B 178 -16.62 10.63 11.63
N SER B 179 -15.58 11.28 12.15
CA SER B 179 -15.33 12.69 11.87
C SER B 179 -14.83 12.93 10.44
N GLY B 180 -14.55 11.88 9.68
CA GLY B 180 -13.90 12.02 8.39
C GLY B 180 -12.39 12.04 8.46
N LEU B 181 -11.82 11.97 9.66
CA LEU B 181 -10.38 11.93 9.83
C LEU B 181 -9.91 10.48 9.94
N TYR B 182 -8.63 10.27 9.64
CA TYR B 182 -8.04 8.95 9.68
C TYR B 182 -7.27 8.72 10.97
N SER B 183 -7.10 7.44 11.31
N SER B 183 -7.12 7.44 11.32
CA SER B 183 -6.26 6.99 12.40
CA SER B 183 -6.24 7.01 12.38
C SER B 183 -5.60 5.69 12.01
C SER B 183 -5.56 5.72 11.94
N LEU B 184 -4.35 5.49 12.43
CA LEU B 184 -3.67 4.23 12.21
C LEU B 184 -2.76 3.93 13.37
N SER B 185 -2.34 2.67 13.44
CA SER B 185 -1.40 2.21 14.45
CA SER B 185 -1.40 2.20 14.45
C SER B 185 -0.22 1.53 13.76
N SER B 186 0.95 1.64 14.38
CA SER B 186 2.15 0.95 13.94
C SER B 186 2.77 0.27 15.15
N VAL B 187 3.03 -1.03 15.04
CA VAL B 187 3.51 -1.82 16.17
C VAL B 187 4.72 -2.64 15.73
N VAL B 188 5.51 -3.04 16.73
CA VAL B 188 6.65 -3.91 16.51
C VAL B 188 6.82 -4.80 17.72
N THR B 189 7.20 -6.05 17.48
CA THR B 189 7.49 -7.00 18.54
CA THR B 189 7.49 -6.99 18.55
C THR B 189 9.00 -7.07 18.73
N VAL B 190 9.45 -6.93 19.97
CA VAL B 190 10.87 -6.83 20.28
C VAL B 190 11.17 -7.79 21.42
N PRO B 191 12.45 -8.11 21.66
CA PRO B 191 12.79 -8.93 22.84
C PRO B 191 12.45 -8.20 24.12
N SER B 192 11.83 -8.92 25.06
N SER B 192 11.81 -8.91 25.05
CA SER B 192 11.56 -8.30 26.36
CA SER B 192 11.56 -8.34 26.36
C SER B 192 12.83 -8.08 27.15
C SER B 192 12.84 -8.06 27.12
N SER B 193 13.87 -8.88 26.89
CA SER B 193 15.10 -8.79 27.67
C SER B 193 15.84 -7.47 27.49
N SER B 194 15.71 -6.85 26.31
CA SER B 194 16.50 -5.67 25.97
C SER B 194 15.66 -4.38 25.98
N LEU B 195 14.51 -4.38 26.64
CA LEU B 195 13.72 -3.16 26.73
C LEU B 195 14.49 -2.05 27.45
N GLY B 196 15.39 -2.42 28.36
CA GLY B 196 16.17 -1.44 29.11
C GLY B 196 17.38 -0.87 28.41
N THR B 197 17.82 -1.49 27.31
CA THR B 197 19.01 -1.03 26.59
C THR B 197 18.72 -0.51 25.20
N GLN B 198 17.70 -1.04 24.53
CA GLN B 198 17.33 -0.59 23.20
C GLN B 198 16.37 0.59 23.28
N THR B 199 16.49 1.51 22.34
CA THR B 199 15.60 2.65 22.23
C THR B 199 14.73 2.46 20.99
N TYR B 200 13.43 2.64 21.15
CA TYR B 200 12.46 2.42 20.07
C TYR B 200 11.74 3.73 19.80
N ILE B 201 11.92 4.26 18.59
CA ILE B 201 11.36 5.54 18.20
C ILE B 201 10.60 5.33 16.91
N CYS B 202 9.32 5.70 16.91
N CYS B 202 9.36 5.83 16.87
CA CYS B 202 8.53 5.67 15.69
CA CYS B 202 8.47 5.66 15.72
C CYS B 202 8.66 7.02 15.01
C CYS B 202 8.43 6.99 14.96
N ASN B 203 8.99 6.99 13.74
CA ASN B 203 9.12 8.20 12.94
C ASN B 203 7.86 8.34 12.11
N VAL B 204 7.02 9.30 12.46
CA VAL B 204 5.72 9.49 11.83
C VAL B 204 5.82 10.68 10.88
N ASN B 205 5.50 10.43 9.61
CA ASN B 205 5.50 11.47 8.58
C ASN B 205 4.09 11.60 8.03
N HIS B 206 3.56 12.82 8.04
CA HIS B 206 2.30 13.16 7.37
C HIS B 206 2.59 14.43 6.56
N LYS B 207 3.16 14.22 5.37
CA LYS B 207 3.61 15.34 4.54
C LYS B 207 2.55 16.39 4.26
N PRO B 208 1.27 16.07 4.01
CA PRO B 208 0.28 17.13 3.77
C PRO B 208 0.14 18.11 4.91
N SER B 209 0.40 17.69 6.15
CA SER B 209 0.36 18.59 7.29
C SER B 209 1.75 18.96 7.80
N ASN B 210 2.80 18.62 7.06
CA ASN B 210 4.18 18.89 7.45
C ASN B 210 4.53 18.26 8.80
N THR B 211 3.82 17.20 9.17
CA THR B 211 4.05 16.53 10.44
C THR B 211 5.24 15.58 10.31
N LYS B 212 6.26 15.80 11.15
CA LYS B 212 7.40 14.91 11.30
C LYS B 212 7.62 14.74 12.80
N VAL B 213 7.23 13.59 13.33
CA VAL B 213 7.29 13.33 14.77
C VAL B 213 8.15 12.09 15.00
N ASP B 214 9.08 12.19 15.95
CA ASP B 214 9.88 11.06 16.41
C ASP B 214 9.53 10.82 17.87
N LYS B 215 8.71 9.80 18.12
CA LYS B 215 8.19 9.51 19.46
C LYS B 215 8.91 8.30 20.04
N ARG B 216 9.60 8.48 21.17
CA ARG B 216 10.21 7.35 21.86
CA ARG B 216 10.20 7.34 21.84
C ARG B 216 9.15 6.60 22.66
N VAL B 217 9.15 5.28 22.56
CA VAL B 217 8.19 4.43 23.23
C VAL B 217 8.94 3.62 24.27
N GLU B 218 8.69 3.90 25.54
CA GLU B 218 9.36 3.23 26.64
C GLU B 218 8.37 2.46 27.49
N PRO B 219 8.81 1.46 28.25
CA PRO B 219 7.88 0.64 29.02
C PRO B 219 7.15 1.45 30.09
N LYS B 220 5.98 0.93 30.46
CA LYS B 220 5.13 1.53 31.50
C LYS B 220 4.72 2.96 31.15
N ASN C 1 -10.99 1.56 -27.39
CA ASN C 1 -9.79 1.02 -26.76
C ASN C 1 -9.83 -0.50 -26.67
N ILE C 2 -8.66 -1.10 -26.47
CA ILE C 2 -8.55 -2.54 -26.27
C ILE C 2 -8.75 -2.82 -24.79
N MET C 3 -9.79 -3.58 -24.46
CA MET C 3 -10.11 -3.90 -23.08
C MET C 3 -9.44 -5.20 -22.67
N MET C 4 -8.86 -5.21 -21.47
CA MET C 4 -8.18 -6.37 -20.91
C MET C 4 -9.02 -6.92 -19.76
N THR C 5 -9.26 -8.22 -19.77
CA THR C 5 -10.00 -8.89 -18.70
CA THR C 5 -9.99 -8.88 -18.69
C THR C 5 -9.14 -10.00 -18.13
N GLN C 6 -8.95 -9.97 -16.82
CA GLN C 6 -8.15 -10.98 -16.13
C GLN C 6 -9.06 -11.89 -15.31
N SER C 7 -8.65 -13.14 -15.17
N SER C 7 -8.64 -13.14 -15.16
CA SER C 7 -9.37 -14.12 -14.38
CA SER C 7 -9.36 -14.15 -14.40
C SER C 7 -8.34 -15.09 -13.83
C SER C 7 -8.35 -15.11 -13.83
N PRO C 8 -8.52 -15.57 -12.58
CA PRO C 8 -9.63 -15.17 -11.71
C PRO C 8 -9.33 -13.85 -10.99
N SER C 9 -10.33 -13.28 -10.33
CA SER C 9 -10.11 -12.06 -9.55
C SER C 9 -9.05 -12.29 -8.49
N SER C 10 -9.08 -13.46 -7.85
CA SER C 10 -8.09 -13.81 -6.84
C SER C 10 -7.99 -15.32 -6.77
N LEU C 11 -6.85 -15.80 -6.28
CA LEU C 11 -6.70 -17.22 -6.00
C LEU C 11 -5.71 -17.37 -4.86
N ALA C 12 -5.76 -18.53 -4.22
CA ALA C 12 -4.91 -18.80 -3.07
C ALA C 12 -4.36 -20.21 -3.20
N VAL C 13 -3.05 -20.35 -2.97
CA VAL C 13 -2.38 -21.64 -3.06
C VAL C 13 -1.35 -21.73 -1.93
N SER C 14 -0.92 -22.95 -1.66
CA SER C 14 0.18 -23.16 -0.73
C SER C 14 1.50 -22.94 -1.45
N ALA C 15 2.52 -22.58 -0.67
CA ALA C 15 3.86 -22.46 -1.23
C ALA C 15 4.26 -23.76 -1.91
N GLY C 16 4.86 -23.63 -3.10
CA GLY C 16 5.23 -24.79 -3.88
C GLY C 16 4.21 -25.23 -4.91
N GLU C 17 2.97 -24.74 -4.82
CA GLU C 17 1.96 -25.09 -5.80
C GLU C 17 2.17 -24.32 -7.11
N LYS C 18 1.59 -24.85 -8.17
CA LYS C 18 1.59 -24.18 -9.47
C LYS C 18 0.35 -23.32 -9.61
N VAL C 19 0.51 -22.17 -10.27
CA VAL C 19 -0.57 -21.22 -10.48
C VAL C 19 -0.57 -20.79 -11.94
N THR C 20 -1.75 -20.73 -12.54
CA THR C 20 -1.94 -20.09 -13.84
C THR C 20 -3.05 -19.05 -13.71
N MET C 21 -2.88 -17.92 -14.39
CA MET C 21 -3.89 -16.88 -14.40
C MET C 21 -4.05 -16.35 -15.81
N SER C 22 -5.27 -15.94 -16.14
CA SER C 22 -5.66 -15.61 -17.51
C SER C 22 -5.75 -14.10 -17.73
N CYS C 23 -5.46 -13.71 -18.96
CA CYS C 23 -5.60 -12.32 -19.42
C CYS C 23 -6.10 -12.36 -20.85
N LYS C 24 -7.28 -11.80 -21.09
CA LYS C 24 -7.87 -11.78 -22.43
C LYS C 24 -8.00 -10.35 -22.91
N SER C 25 -7.58 -10.09 -24.14
CA SER C 25 -7.78 -8.82 -24.80
C SER C 25 -8.99 -8.88 -25.73
N SER C 26 -9.68 -7.74 -25.84
CA SER C 26 -10.86 -7.67 -26.68
C SER C 26 -10.53 -7.73 -28.17
N GLN C 27 -9.27 -7.56 -28.52
CA GLN C 27 -8.81 -7.72 -29.90
C GLN C 27 -7.32 -8.02 -29.85
N SER C 28 -6.76 -8.31 -31.03
CA SER C 28 -5.37 -8.72 -31.12
C SER C 28 -4.44 -7.61 -30.65
N VAL C 29 -3.37 -8.00 -29.98
CA VAL C 29 -2.34 -7.07 -29.53
C VAL C 29 -1.03 -7.30 -30.28
N LEU C 30 -1.10 -8.00 -31.42
CA LEU C 30 0.08 -8.33 -32.20
C LEU C 30 0.50 -7.12 -33.03
N HIS C 31 1.71 -6.65 -32.80
CA HIS C 31 2.26 -5.50 -33.52
C HIS C 31 2.88 -5.99 -34.82
N SER C 32 2.43 -5.43 -35.95
CA SER C 32 2.77 -6.02 -37.23
C SER C 32 4.23 -5.78 -37.60
N SER C 33 4.79 -4.63 -37.24
CA SER C 33 6.12 -4.27 -37.74
C SER C 33 7.21 -5.15 -37.13
N ASP C 34 7.01 -5.64 -35.90
CA ASP C 34 7.97 -6.56 -35.29
C ASP C 34 7.36 -7.91 -34.94
N GLN C 35 6.07 -8.12 -35.20
CA GLN C 35 5.41 -9.41 -34.97
C GLN C 35 5.57 -9.85 -33.51
N LYS C 36 5.47 -8.89 -32.60
CA LYS C 36 5.46 -9.14 -31.16
C LYS C 36 4.08 -8.81 -30.61
N ASN C 37 3.58 -9.67 -29.72
CA ASN C 37 2.40 -9.33 -28.94
C ASN C 37 2.78 -8.27 -27.91
N TYR C 38 2.26 -7.06 -28.09
CA TYR C 38 2.57 -5.98 -27.15
C TYR C 38 1.81 -6.17 -25.86
N LEU C 39 2.22 -7.20 -25.11
CA LEU C 39 1.54 -7.66 -23.90
C LEU C 39 2.58 -7.76 -22.80
N ALA C 40 2.29 -7.17 -21.65
CA ALA C 40 3.21 -7.16 -20.53
C ALA C 40 2.51 -7.66 -19.27
N TRP C 41 3.30 -8.22 -18.35
CA TRP C 41 2.81 -8.64 -17.05
C TRP C 41 3.59 -7.91 -15.97
N TYR C 42 2.87 -7.44 -14.95
CA TYR C 42 3.49 -6.76 -13.81
C TYR C 42 3.08 -7.45 -12.51
N GLN C 43 4.00 -7.40 -11.55
CA GLN C 43 3.75 -7.83 -10.18
C GLN C 43 3.75 -6.60 -9.29
N GLN C 44 2.69 -6.41 -8.50
CA GLN C 44 2.63 -5.30 -7.56
C GLN C 44 2.38 -5.85 -6.16
N LYS C 45 3.45 -5.93 -5.37
CA LYS C 45 3.33 -6.39 -4.00
C LYS C 45 2.68 -5.30 -3.14
N PRO C 46 2.10 -5.68 -1.99
CA PRO C 46 1.40 -4.71 -1.14
C PRO C 46 2.29 -3.53 -0.77
N GLY C 47 1.77 -2.32 -0.99
CA GLY C 47 2.49 -1.12 -0.64
C GLY C 47 3.69 -0.81 -1.50
N GLN C 48 3.86 -1.50 -2.62
CA GLN C 48 4.98 -1.30 -3.52
C GLN C 48 4.48 -0.85 -4.89
N SER C 49 5.41 -0.37 -5.71
CA SER C 49 5.11 -0.03 -7.09
CA SER C 49 5.11 -0.03 -7.09
C SER C 49 5.11 -1.29 -7.94
N PRO C 50 4.42 -1.26 -9.09
CA PRO C 50 4.44 -2.44 -9.97
C PRO C 50 5.86 -2.73 -10.45
N LYS C 51 6.12 -4.01 -10.72
CA LYS C 51 7.40 -4.49 -11.22
C LYS C 51 7.16 -5.25 -12.52
N LEU C 52 7.96 -4.93 -13.54
CA LEU C 52 7.81 -5.62 -14.82
C LEU C 52 8.33 -7.04 -14.72
N LEU C 53 7.48 -8.00 -15.08
CA LEU C 53 7.85 -9.41 -15.14
C LEU C 53 8.10 -9.90 -16.56
N ILE C 54 7.15 -9.64 -17.47
CA ILE C 54 7.16 -10.22 -18.81
C ILE C 54 6.80 -9.13 -19.81
N TYR C 55 7.44 -9.16 -20.98
CA TYR C 55 7.03 -8.34 -22.11
C TYR C 55 7.07 -9.20 -23.36
N TRP C 56 6.48 -8.67 -24.45
CA TRP C 56 6.27 -9.45 -25.68
C TRP C 56 5.53 -10.75 -25.39
N ALA C 57 4.66 -10.73 -24.39
CA ALA C 57 3.82 -11.86 -23.98
C ALA C 57 4.59 -12.99 -23.31
N SER C 58 5.83 -13.25 -23.76
CA SER C 58 6.57 -14.41 -23.28
C SER C 58 8.01 -14.15 -22.88
N THR C 59 8.52 -12.92 -23.06
CA THR C 59 9.92 -12.64 -22.77
C THR C 59 10.05 -12.17 -21.33
N ARG C 60 10.86 -12.89 -20.55
CA ARG C 60 11.03 -12.61 -19.14
C ARG C 60 12.04 -11.49 -18.91
N GLU C 61 11.64 -10.48 -18.14
CA GLU C 61 12.52 -9.37 -17.84
C GLU C 61 13.74 -9.83 -17.06
N SER C 62 14.86 -9.13 -17.25
CA SER C 62 16.08 -9.45 -16.52
C SER C 62 15.84 -9.38 -15.02
N GLY C 63 16.39 -10.35 -14.30
CA GLY C 63 16.21 -10.43 -12.85
C GLY C 63 14.94 -11.10 -12.40
N VAL C 64 14.04 -11.45 -13.30
CA VAL C 64 12.79 -12.13 -12.91
C VAL C 64 13.08 -13.62 -12.76
N PRO C 65 12.66 -14.25 -11.66
CA PRO C 65 12.89 -15.69 -11.49
C PRO C 65 12.27 -16.50 -12.62
N ASP C 66 12.94 -17.60 -12.97
CA ASP C 66 12.50 -18.44 -14.08
C ASP C 66 11.15 -19.10 -13.81
N ARG C 67 10.69 -19.12 -12.55
CA ARG C 67 9.39 -19.72 -12.26
C ARG C 67 8.24 -18.91 -12.85
N PHE C 68 8.48 -17.66 -13.22
CA PHE C 68 7.48 -16.84 -13.89
C PHE C 68 7.61 -17.02 -15.40
N THR C 69 6.52 -17.46 -16.04
N THR C 69 6.51 -17.43 -16.04
CA THR C 69 6.51 -17.64 -17.47
CA THR C 69 6.50 -17.67 -17.47
C THR C 69 5.21 -17.11 -18.05
C THR C 69 5.21 -17.13 -18.07
N GLY C 70 5.32 -16.37 -19.15
CA GLY C 70 4.16 -15.86 -19.87
C GLY C 70 4.02 -16.60 -21.19
N SER C 71 2.77 -16.80 -21.61
CA SER C 71 2.51 -17.53 -22.83
C SER C 71 1.21 -17.02 -23.46
N GLY C 72 0.94 -17.49 -24.67
CA GLY C 72 -0.28 -17.14 -25.35
C GLY C 72 -0.10 -16.33 -26.62
N SER C 73 -1.12 -16.32 -27.47
CA SER C 73 -1.09 -15.56 -28.71
C SER C 73 -2.50 -15.06 -29.00
N GLY C 74 -2.58 -14.14 -29.96
CA GLY C 74 -3.86 -13.57 -30.33
C GLY C 74 -4.48 -12.73 -29.24
N THR C 75 -5.48 -13.28 -28.55
CA THR C 75 -6.20 -12.56 -27.51
C THR C 75 -6.22 -13.30 -26.18
N ASP C 76 -5.57 -14.44 -26.07
CA ASP C 76 -5.64 -15.29 -24.87
C ASP C 76 -4.23 -15.44 -24.32
N PHE C 77 -3.99 -14.86 -23.13
CA PHE C 77 -2.66 -14.85 -22.55
C PHE C 77 -2.71 -15.44 -21.14
N THR C 78 -1.56 -15.89 -20.68
CA THR C 78 -1.45 -16.66 -19.45
C THR C 78 -0.15 -16.31 -18.76
N LEU C 79 -0.21 -16.11 -17.46
CA LEU C 79 0.96 -16.06 -16.61
C LEU C 79 0.95 -17.30 -15.72
N THR C 80 2.06 -18.04 -15.75
CA THR C 80 2.19 -19.24 -14.93
C THR C 80 3.31 -19.02 -13.92
N ILE C 81 3.05 -19.39 -12.67
CA ILE C 81 4.09 -19.44 -11.65
C ILE C 81 4.25 -20.91 -11.27
N SER C 82 5.41 -21.48 -11.62
CA SER C 82 5.60 -22.92 -11.55
C SER C 82 5.60 -23.43 -10.12
N SER C 83 6.17 -22.66 -9.20
CA SER C 83 6.27 -23.10 -7.81
C SER C 83 6.15 -21.84 -6.95
N VAL C 84 4.93 -21.55 -6.49
CA VAL C 84 4.67 -20.32 -5.77
C VAL C 84 5.51 -20.27 -4.51
N GLN C 85 6.09 -19.10 -4.24
CA GLN C 85 6.82 -18.82 -3.01
C GLN C 85 6.00 -17.86 -2.16
N ALA C 86 6.28 -17.87 -0.85
CA ALA C 86 5.52 -17.03 0.07
C ALA C 86 5.64 -15.56 -0.31
N GLU C 87 6.80 -15.15 -0.83
CA GLU C 87 6.99 -13.76 -1.23
C GLU C 87 6.31 -13.41 -2.54
N ASP C 88 5.71 -14.38 -3.23
CA ASP C 88 5.04 -14.11 -4.50
C ASP C 88 3.68 -13.46 -4.34
N LEU C 89 3.21 -13.24 -3.12
N LEU C 89 3.28 -13.18 -3.10
CA LEU C 89 1.90 -12.64 -2.97
CA LEU C 89 2.08 -12.40 -2.80
C LEU C 89 1.95 -11.20 -3.49
C LEU C 89 2.06 -11.09 -3.56
N ALA C 90 1.01 -10.88 -4.36
CA ALA C 90 0.89 -9.61 -5.06
C ALA C 90 -0.38 -9.63 -5.88
N VAL C 91 -0.70 -8.48 -6.44
CA VAL C 91 -1.66 -8.40 -7.54
C VAL C 91 -0.86 -8.43 -8.84
N TYR C 92 -1.25 -9.30 -9.75
CA TYR C 92 -0.60 -9.41 -11.05
C TYR C 92 -1.48 -8.76 -12.10
N PHE C 93 -0.91 -7.81 -12.82
CA PHE C 93 -1.61 -7.06 -13.86
C PHE C 93 -1.05 -7.43 -15.22
N CYS C 94 -1.93 -7.58 -16.19
CA CYS C 94 -1.48 -7.62 -17.58
C CYS C 94 -1.74 -6.27 -18.23
N HIS C 95 -1.10 -6.05 -19.38
CA HIS C 95 -0.99 -4.72 -19.96
C HIS C 95 -0.78 -4.86 -21.45
N GLN C 96 -1.67 -4.27 -22.26
CA GLN C 96 -1.44 -4.17 -23.69
C GLN C 96 -0.97 -2.76 -24.01
N TYR C 97 0.06 -2.67 -24.85
CA TYR C 97 0.54 -1.37 -25.30
C TYR C 97 0.59 -1.31 -26.83
N LEU C 98 -0.22 -2.12 -27.51
CA LEU C 98 -0.37 -1.96 -28.96
C LEU C 98 -1.07 -0.64 -29.28
N SER C 99 -2.26 -0.45 -28.70
N SER C 99 -2.25 -0.44 -28.70
CA SER C 99 -3.00 0.79 -28.82
CA SER C 99 -2.99 0.80 -28.82
C SER C 99 -2.86 1.58 -27.52
C SER C 99 -2.82 1.62 -27.55
N SER C 100 -3.71 2.59 -27.34
CA SER C 100 -3.71 3.38 -26.10
C SER C 100 -3.70 2.46 -24.90
N TYR C 101 -2.68 2.62 -24.05
CA TYR C 101 -2.35 1.61 -23.05
C TYR C 101 -3.54 1.30 -22.16
N THR C 102 -3.84 0.02 -21.99
CA THR C 102 -4.88 -0.42 -21.06
C THR C 102 -4.35 -1.59 -20.24
N PHE C 103 -4.88 -1.71 -19.02
CA PHE C 103 -4.46 -2.73 -18.08
C PHE C 103 -5.65 -3.60 -17.69
N GLY C 104 -5.37 -4.86 -17.38
CA GLY C 104 -6.38 -5.73 -16.82
C GLY C 104 -6.69 -5.33 -15.38
N GLY C 105 -7.78 -5.89 -14.87
CA GLY C 105 -8.21 -5.62 -13.51
C GLY C 105 -7.39 -6.29 -12.43
N GLY C 106 -6.41 -7.09 -12.80
CA GLY C 106 -5.53 -7.67 -11.81
C GLY C 106 -6.04 -8.98 -11.27
N THR C 107 -5.10 -9.84 -10.90
CA THR C 107 -5.37 -11.08 -10.19
C THR C 107 -4.58 -11.07 -8.89
N LYS C 108 -5.29 -11.11 -7.77
CA LYS C 108 -4.66 -11.08 -6.46
C LYS C 108 -4.28 -12.49 -6.04
N LEU C 109 -2.98 -12.73 -5.87
CA LEU C 109 -2.47 -14.04 -5.50
C LEU C 109 -2.23 -14.07 -4.00
N GLU C 110 -2.93 -14.98 -3.31
CA GLU C 110 -2.82 -15.14 -1.86
C GLU C 110 -2.15 -16.47 -1.53
N ILE C 111 -1.59 -16.56 -0.33
CA ILE C 111 -0.87 -17.74 0.13
C ILE C 111 -1.68 -18.44 1.21
N LYS C 112 -1.79 -19.76 1.09
CA LYS C 112 -2.37 -20.62 2.11
C LYS C 112 -1.27 -21.20 2.99
N ARG C 113 -1.52 -21.28 4.29
CA ARG C 113 -0.57 -21.85 5.23
C ARG C 113 -1.34 -22.53 6.36
N THR C 114 -0.60 -23.09 7.33
CA THR C 114 -1.22 -23.74 8.46
C THR C 114 -1.90 -22.73 9.38
N VAL C 115 -2.84 -23.22 10.18
CA VAL C 115 -3.52 -22.38 11.16
C VAL C 115 -2.50 -21.83 12.14
N ALA C 116 -2.59 -20.52 12.42
CA ALA C 116 -1.74 -19.87 13.40
C ALA C 116 -2.62 -18.98 14.28
N ALA C 117 -2.64 -19.27 15.58
CA ALA C 117 -3.43 -18.44 16.49
C ALA C 117 -2.73 -17.09 16.68
N PRO C 118 -3.50 -16.03 16.89
CA PRO C 118 -2.88 -14.72 17.10
C PRO C 118 -2.25 -14.61 18.49
N SER C 119 -1.21 -13.81 18.58
CA SER C 119 -0.72 -13.33 19.87
C SER C 119 -1.43 -12.02 20.18
N VAL C 120 -2.12 -11.96 21.32
CA VAL C 120 -3.00 -10.85 21.64
C VAL C 120 -2.32 -9.94 22.66
N PHE C 121 -2.29 -8.64 22.37
CA PHE C 121 -1.78 -7.62 23.28
C PHE C 121 -2.82 -6.52 23.43
N ILE C 122 -2.83 -5.88 24.59
CA ILE C 122 -3.74 -4.77 24.84
C ILE C 122 -2.94 -3.61 25.42
N PHE C 123 -3.27 -2.39 24.98
CA PHE C 123 -2.57 -1.18 25.39
C PHE C 123 -3.56 -0.20 25.99
N PRO C 124 -3.39 0.22 27.25
CA PRO C 124 -4.20 1.32 27.79
C PRO C 124 -3.91 2.61 27.05
N PRO C 125 -4.79 3.62 27.16
CA PRO C 125 -4.48 4.92 26.56
C PRO C 125 -3.26 5.54 27.22
N SER C 126 -2.51 6.30 26.43
CA SER C 126 -1.33 6.98 26.93
C SER C 126 -1.73 8.10 27.88
N ASP C 127 -0.85 8.39 28.83
CA ASP C 127 -1.07 9.53 29.71
C ASP C 127 -1.14 10.82 28.91
N GLU C 128 -0.39 10.90 27.81
CA GLU C 128 -0.42 12.10 26.96
C GLU C 128 -1.81 12.31 26.37
N GLN C 129 -2.42 11.25 25.84
CA GLN C 129 -3.76 11.39 25.27
C GLN C 129 -4.80 11.68 26.33
N LEU C 130 -4.71 10.99 27.48
CA LEU C 130 -5.70 11.18 28.53
C LEU C 130 -5.78 12.65 28.95
N LYS C 131 -4.64 13.33 29.04
CA LYS C 131 -4.64 14.74 29.40
C LYS C 131 -5.39 15.58 28.38
N SER C 132 -5.52 15.11 27.14
CA SER C 132 -6.25 15.83 26.10
C SER C 132 -7.76 15.60 26.15
N GLY C 133 -8.22 14.62 26.93
CA GLY C 133 -9.65 14.39 27.10
C GLY C 133 -10.21 13.17 26.39
N THR C 134 -9.38 12.36 25.75
CA THR C 134 -9.83 11.17 25.04
C THR C 134 -9.03 9.97 25.51
N ALA C 135 -9.65 8.80 25.47
CA ALA C 135 -9.00 7.53 25.82
C ALA C 135 -9.18 6.56 24.67
N SER C 136 -8.09 6.24 23.98
CA SER C 136 -8.08 5.20 22.96
C SER C 136 -7.40 3.96 23.53
N VAL C 137 -8.09 2.83 23.49
CA VAL C 137 -7.55 1.56 23.98
C VAL C 137 -7.36 0.64 22.78
N VAL C 138 -6.16 0.08 22.64
CA VAL C 138 -5.78 -0.65 21.44
C VAL C 138 -5.60 -2.13 21.76
N CYS C 139 -6.21 -2.97 20.95
CA CYS C 139 -6.02 -4.41 21.01
CA CYS C 139 -6.02 -4.41 21.01
C CYS C 139 -5.30 -4.87 19.75
N LEU C 140 -4.23 -5.64 19.94
CA LEU C 140 -3.35 -6.07 18.86
C LEU C 140 -3.42 -7.59 18.74
N LEU C 141 -3.68 -8.07 17.52
CA LEU C 141 -3.66 -9.49 17.18
C LEU C 141 -2.53 -9.68 16.18
N ASN C 142 -1.48 -10.38 16.58
CA ASN C 142 -0.25 -10.48 15.79
CA ASN C 142 -0.25 -10.48 15.79
C ASN C 142 -0.13 -11.84 15.13
N ASN C 143 0.19 -11.82 13.82
CA ASN C 143 0.67 -12.97 13.05
C ASN C 143 -0.22 -14.21 13.22
N PHE C 144 -1.45 -14.09 12.72
CA PHE C 144 -2.40 -15.19 12.75
C PHE C 144 -2.81 -15.59 11.33
N TYR C 145 -3.40 -16.79 11.23
CA TYR C 145 -3.92 -17.32 9.98
C TYR C 145 -4.95 -18.41 10.29
N PRO C 146 -6.11 -18.43 9.64
CA PRO C 146 -6.51 -17.56 8.52
C PRO C 146 -6.88 -16.12 8.92
N ARG C 147 -7.26 -15.35 7.91
CA ARG C 147 -7.50 -13.92 8.07
C ARG C 147 -8.67 -13.63 9.01
N GLU C 148 -9.65 -14.53 9.06
CA GLU C 148 -10.88 -14.26 9.80
C GLU C 148 -10.61 -14.29 11.29
N ALA C 149 -10.93 -13.20 11.98
CA ALA C 149 -10.82 -13.09 13.43
C ALA C 149 -11.89 -12.13 13.91
N LYS C 150 -12.29 -12.29 15.17
CA LYS C 150 -13.32 -11.45 15.75
C LYS C 150 -12.82 -10.88 17.06
N VAL C 151 -12.92 -9.57 17.18
CA VAL C 151 -12.58 -8.85 18.40
C VAL C 151 -13.87 -8.35 19.02
N GLN C 152 -14.05 -8.62 20.31
CA GLN C 152 -15.13 -8.02 21.08
C GLN C 152 -14.53 -7.28 22.26
N TRP C 153 -14.93 -6.02 22.42
CA TRP C 153 -14.48 -5.21 23.55
C TRP C 153 -15.46 -5.38 24.70
N LYS C 154 -14.91 -5.56 25.90
CA LYS C 154 -15.70 -5.68 27.11
C LYS C 154 -15.14 -4.73 28.16
N VAL C 155 -16.02 -3.95 28.78
CA VAL C 155 -15.65 -2.97 29.79
C VAL C 155 -16.40 -3.38 31.05
N ASP C 156 -15.66 -3.89 32.04
CA ASP C 156 -16.25 -4.56 33.21
C ASP C 156 -17.31 -5.57 32.76
N ASN C 157 -16.93 -6.37 31.76
CA ASN C 157 -17.72 -7.48 31.21
C ASN C 157 -18.96 -7.03 30.46
N ALA C 158 -19.10 -5.74 30.14
CA ALA C 158 -20.21 -5.26 29.34
C ALA C 158 -19.74 -5.14 27.89
N LEU C 159 -20.42 -5.86 26.99
CA LEU C 159 -20.03 -5.85 25.58
C LEU C 159 -20.24 -4.46 24.99
N GLN C 160 -19.22 -3.95 24.31
CA GLN C 160 -19.27 -2.66 23.66
C GLN C 160 -19.74 -2.80 22.22
N SER C 161 -20.37 -1.75 21.71
CA SER C 161 -20.73 -1.69 20.30
C SER C 161 -20.70 -0.24 19.85
N GLY C 162 -20.31 -0.04 18.60
CA GLY C 162 -20.37 1.26 17.98
C GLY C 162 -19.27 2.24 18.38
N ASN C 163 -18.31 1.81 19.20
CA ASN C 163 -17.24 2.69 19.65
C ASN C 163 -15.85 2.14 19.35
N SER C 164 -15.74 1.26 18.35
CA SER C 164 -14.44 0.72 17.98
C SER C 164 -14.31 0.71 16.47
N GLN C 165 -13.07 0.66 16.01
CA GLN C 165 -12.72 0.49 14.61
C GLN C 165 -11.51 -0.44 14.53
N GLU C 166 -11.41 -1.17 13.42
CA GLU C 166 -10.31 -2.11 13.26
C GLU C 166 -9.86 -2.17 11.82
N SER C 167 -8.64 -2.65 11.62
CA SER C 167 -8.17 -2.95 10.27
C SER C 167 -7.18 -4.12 10.34
N VAL C 168 -7.05 -4.82 9.21
CA VAL C 168 -6.17 -5.96 9.09
C VAL C 168 -5.05 -5.59 8.13
N THR C 169 -3.87 -6.14 8.38
CA THR C 169 -2.76 -5.92 7.46
C THR C 169 -2.96 -6.70 6.18
N GLU C 170 -2.19 -6.32 5.17
CA GLU C 170 -1.97 -7.24 4.06
C GLU C 170 -1.33 -8.53 4.59
N GLN C 171 -1.27 -9.54 3.74
CA GLN C 171 -0.63 -10.77 4.15
C GLN C 171 0.89 -10.59 4.21
N ASP C 172 1.52 -11.31 5.14
CA ASP C 172 2.96 -11.18 5.34
C ASP C 172 3.72 -11.95 4.26
N SER C 173 4.73 -11.31 3.68
N SER C 173 4.73 -11.31 3.68
CA SER C 173 5.48 -11.92 2.59
CA SER C 173 5.48 -11.91 2.58
C SER C 173 6.43 -13.02 3.04
C SER C 173 6.46 -12.99 3.04
N LYS C 174 6.67 -13.14 4.34
CA LYS C 174 7.59 -14.15 4.87
C LYS C 174 6.84 -15.32 5.51
N ASP C 175 5.97 -15.07 6.50
CA ASP C 175 5.31 -16.16 7.20
C ASP C 175 3.85 -16.31 6.83
N SER C 176 3.34 -15.52 5.88
CA SER C 176 2.01 -15.65 5.30
C SER C 176 0.89 -15.40 6.29
N THR C 177 1.16 -14.70 7.38
CA THR C 177 0.15 -14.42 8.39
C THR C 177 -0.48 -13.04 8.17
N TYR C 178 -1.47 -12.74 9.00
CA TYR C 178 -2.10 -11.44 9.07
C TYR C 178 -1.99 -10.91 10.50
N SER C 179 -2.11 -9.60 10.64
CA SER C 179 -2.20 -8.98 11.95
C SER C 179 -3.36 -8.00 11.94
N LEU C 180 -3.95 -7.76 13.12
CA LEU C 180 -5.13 -6.92 13.22
C LEU C 180 -4.97 -5.97 14.40
N SER C 181 -5.44 -4.74 14.23
CA SER C 181 -5.44 -3.72 15.26
C SER C 181 -6.87 -3.23 15.44
N SER C 182 -7.32 -3.14 16.70
N SER C 182 -7.32 -3.14 16.69
CA SER C 182 -8.64 -2.61 17.01
CA SER C 182 -8.63 -2.61 17.03
C SER C 182 -8.52 -1.54 18.07
C SER C 182 -8.49 -1.52 18.08
N THR C 183 -9.19 -0.40 17.87
CA THR C 183 -9.16 0.72 18.78
C THR C 183 -10.54 1.00 19.35
N LEU C 184 -10.66 0.91 20.67
CA LEU C 184 -11.85 1.35 21.39
C LEU C 184 -11.60 2.77 21.85
N THR C 185 -12.43 3.71 21.41
CA THR C 185 -12.27 5.11 21.77
C THR C 185 -13.42 5.55 22.66
N LEU C 186 -13.08 6.10 23.82
CA LEU C 186 -14.05 6.63 24.76
C LEU C 186 -13.60 8.03 25.17
N SER C 187 -14.55 8.83 25.63
CA SER C 187 -14.18 10.07 26.29
C SER C 187 -13.42 9.75 27.57
N LYS C 188 -12.60 10.71 28.01
CA LYS C 188 -11.86 10.51 29.26
C LYS C 188 -12.83 10.30 30.42
N ALA C 189 -13.93 11.06 30.44
CA ALA C 189 -14.89 10.96 31.54
C ALA C 189 -15.51 9.58 31.61
N ASP C 190 -15.85 8.99 30.47
CA ASP C 190 -16.41 7.64 30.47
C ASP C 190 -15.34 6.62 30.83
N TYR C 191 -14.13 6.80 30.31
CA TYR C 191 -13.04 5.85 30.59
C TYR C 191 -12.81 5.70 32.08
N GLU C 192 -12.78 6.81 32.81
CA GLU C 192 -12.55 6.79 34.25
C GLU C 192 -13.70 6.21 35.05
N LYS C 193 -14.82 5.84 34.43
CA LYS C 193 -15.97 5.31 35.15
C LYS C 193 -15.90 3.80 35.35
N HIS C 194 -14.88 3.13 34.82
CA HIS C 194 -14.85 1.67 34.82
C HIS C 194 -13.47 1.17 35.19
N LYS C 195 -13.41 -0.11 35.55
CA LYS C 195 -12.15 -0.72 35.94
C LYS C 195 -11.53 -1.55 34.83
N VAL C 196 -12.18 -2.63 34.44
CA VAL C 196 -11.57 -3.67 33.63
C VAL C 196 -11.85 -3.40 32.16
N TYR C 197 -10.79 -3.24 31.38
CA TYR C 197 -10.86 -3.06 29.93
C TYR C 197 -10.29 -4.30 29.28
N ALA C 198 -11.14 -5.02 28.57
CA ALA C 198 -10.76 -6.33 28.05
C ALA C 198 -11.08 -6.41 26.57
N CYS C 199 -10.19 -7.07 25.82
CA CYS C 199 -10.40 -7.42 24.43
CA CYS C 199 -10.49 -7.42 24.44
C CYS C 199 -10.48 -8.94 24.33
N GLU C 200 -11.59 -9.46 23.82
CA GLU C 200 -11.82 -10.89 23.70
C GLU C 200 -11.72 -11.28 22.24
N VAL C 201 -10.88 -12.26 21.95
CA VAL C 201 -10.48 -12.61 20.59
C VAL C 201 -10.95 -14.03 20.29
N THR C 202 -11.66 -14.20 19.19
CA THR C 202 -11.99 -15.52 18.68
C THR C 202 -11.29 -15.71 17.34
N HIS C 203 -10.79 -16.91 17.12
CA HIS C 203 -10.01 -17.23 15.93
C HIS C 203 -9.94 -18.75 15.82
N GLN C 204 -9.81 -19.23 14.58
CA GLN C 204 -9.82 -20.67 14.33
C GLN C 204 -8.69 -21.37 15.08
N GLY C 205 -7.60 -20.66 15.40
CA GLY C 205 -6.52 -21.26 16.15
C GLY C 205 -6.75 -21.36 17.64
N LEU C 206 -7.86 -20.80 18.14
CA LEU C 206 -8.18 -20.80 19.55
C LEU C 206 -9.44 -21.63 19.79
N SER C 207 -9.35 -22.62 20.69
N SER C 207 -9.33 -22.64 20.66
CA SER C 207 -10.51 -23.46 20.98
CA SER C 207 -10.51 -23.44 21.00
C SER C 207 -11.57 -22.71 21.78
C SER C 207 -11.58 -22.59 21.66
N SER C 208 -11.18 -21.67 22.52
CA SER C 208 -12.08 -20.80 23.26
C SER C 208 -11.56 -19.38 23.09
N PRO C 209 -12.41 -18.38 23.32
CA PRO C 209 -11.94 -16.99 23.17
C PRO C 209 -10.82 -16.68 24.17
N VAL C 210 -9.87 -15.89 23.70
CA VAL C 210 -8.76 -15.40 24.52
C VAL C 210 -9.09 -13.97 24.94
N THR C 211 -8.96 -13.70 26.23
CA THR C 211 -9.18 -12.35 26.76
C THR C 211 -7.86 -11.80 27.28
N LYS C 212 -7.49 -10.62 26.77
CA LYS C 212 -6.41 -9.82 27.34
C LYS C 212 -7.03 -8.55 27.92
N SER C 213 -6.65 -8.22 29.14
CA SER C 213 -7.30 -7.12 29.84
C SER C 213 -6.29 -6.41 30.74
N PHE C 214 -6.67 -5.22 31.17
CA PHE C 214 -5.95 -4.51 32.22
C PHE C 214 -6.95 -3.86 33.15
N ASN C 215 -6.47 -3.51 34.34
CA ASN C 215 -7.24 -2.72 35.31
C ASN C 215 -6.83 -1.26 35.15
N ARG C 216 -7.80 -0.39 34.90
CA ARG C 216 -7.50 1.02 34.69
C ARG C 216 -6.87 1.61 35.95
N GLY C 217 -5.76 2.32 35.78
CA GLY C 217 -5.06 2.95 36.87
C GLY C 217 -4.09 2.05 37.59
N GLU C 218 -3.75 0.88 37.04
CA GLU C 218 -2.82 -0.04 37.69
C GLU C 218 -1.53 -0.18 36.89
#